data_4E7N
#
_entry.id   4E7N
#
_cell.length_a   44.320
_cell.length_b   68.360
_cell.length_c   81.654
_cell.angle_alpha   90.00
_cell.angle_beta   90.00
_cell.angle_gamma   90.00
#
_symmetry.space_group_name_H-M   'P 21 21 21'
#
loop_
_entity.id
_entity.type
_entity.pdbx_description
1 polymer 'Snake-venom Thrombin-like Enzyme'
2 branched 2-acetamido-2-deoxy-beta-D-glucopyranose-(1-4)-2-acetamido-2-deoxy-beta-D-glucopyranose
3 non-polymer GLYCEROL
4 water water
#
_entity_poly.entity_id   1
_entity_poly.type   'polypeptide(L)'
_entity_poly.pdbx_seq_one_letter_code
;IIGGDECNINEHRFLVALYTSRSRTLFCGGTLINQEWVLTAAHCDRKNFRIKLGMHSKKVPNEDEQTRVPKEKFFCLSSK
NYTLWDKDIMLIRLDSPVKNSKHIAPFSLPSSPPSVGSVCRIMGWGRISPTEGTYPDVPHCVNINLLEYEMCRAPYPEFE
LPATSRTLCAGILEGGKDTCKGDSGGPLICNGQFQGIASWGDDPCAQPHKPAAYTKVFDHLDWIENIIAGNTDASCPP
;
_entity_poly.pdbx_strand_id   A
#
# COMPACT_ATOMS: atom_id res chain seq x y z
N ILE A 1 -9.45 -2.01 -6.57
CA ILE A 1 -8.59 -1.97 -7.76
C ILE A 1 -9.51 -1.98 -8.98
N ILE A 2 -9.32 -1.02 -9.87
CA ILE A 2 -10.09 -0.93 -11.10
C ILE A 2 -9.34 -1.57 -12.26
N GLY A 3 -10.06 -2.31 -13.10
CA GLY A 3 -9.52 -2.76 -14.37
C GLY A 3 -8.75 -4.06 -14.35
N GLY A 4 -8.76 -4.73 -13.20
CA GLY A 4 -8.06 -6.02 -13.06
C GLY A 4 -9.01 -7.18 -12.89
N ASP A 5 -8.55 -8.18 -12.14
N ASP A 5 -8.57 -8.20 -12.15
CA ASP A 5 -9.31 -9.39 -11.88
CA ASP A 5 -9.38 -9.37 -11.88
C ASP A 5 -8.90 -9.88 -10.51
C ASP A 5 -8.89 -9.91 -10.55
N GLU A 6 -9.66 -10.85 -9.99
CA GLU A 6 -9.29 -11.52 -8.75
C GLU A 6 -7.83 -11.94 -8.80
N CYS A 7 -7.07 -11.63 -7.76
CA CYS A 7 -5.69 -12.08 -7.69
C CYS A 7 -5.62 -13.58 -7.66
N ASN A 8 -4.53 -14.16 -8.16
CA ASN A 8 -4.28 -15.56 -7.88
C ASN A 8 -4.10 -15.75 -6.39
N ILE A 9 -4.65 -16.83 -5.86
CA ILE A 9 -4.63 -17.06 -4.42
C ILE A 9 -3.23 -17.17 -3.83
N ASN A 10 -2.22 -17.40 -4.67
CA ASN A 10 -0.85 -17.56 -4.19
C ASN A 10 0.06 -16.36 -4.44
N GLU A 11 -0.46 -15.31 -5.08
CA GLU A 11 0.39 -14.21 -5.51
C GLU A 11 0.43 -13.01 -4.57
N HIS A 12 -0.23 -13.11 -3.42
CA HIS A 12 -0.29 -11.97 -2.53
C HIS A 12 -0.03 -12.37 -1.07
N ARG A 13 0.94 -13.25 -0.88
CA ARG A 13 1.19 -13.82 0.47
C ARG A 13 1.62 -12.79 1.51
N PHE A 14 2.10 -11.66 1.03
CA PHE A 14 2.60 -10.55 1.84
C PHE A 14 1.54 -9.49 2.04
N LEU A 15 0.40 -9.62 1.37
CA LEU A 15 -0.64 -8.58 1.44
C LEU A 15 -1.46 -8.75 2.71
N VAL A 16 -1.59 -7.69 3.49
CA VAL A 16 -2.38 -7.77 4.72
C VAL A 16 -3.54 -6.80 4.65
N ALA A 17 -4.58 -7.05 5.43
CA ALA A 17 -5.74 -6.17 5.48
C ALA A 17 -5.85 -5.54 6.83
N LEU A 18 -6.05 -4.23 6.83
CA LEU A 18 -6.34 -3.49 8.06
C LEU A 18 -7.84 -3.36 8.20
N TYR A 19 -8.35 -3.75 9.37
CA TYR A 19 -9.80 -3.71 9.58
C TYR A 19 -10.17 -3.23 10.97
N THR A 20 -11.37 -2.70 11.10
CA THR A 20 -11.82 -2.21 12.42
C THR A 20 -12.05 -3.37 13.39
N SER A 21 -11.80 -3.12 14.67
CA SER A 21 -11.87 -4.16 15.69
C SER A 21 -13.30 -4.66 15.90
N ARG A 22 -14.27 -3.76 15.78
CA ARG A 22 -15.66 -4.11 16.12
C ARG A 22 -16.51 -4.58 14.93
N SER A 23 -16.67 -3.74 13.91
CA SER A 23 -17.49 -4.12 12.75
C SER A 23 -16.75 -5.02 11.77
N ARG A 24 -15.43 -5.11 11.92
CA ARG A 24 -14.57 -5.86 11.00
C ARG A 24 -14.65 -5.29 9.58
N THR A 25 -14.70 -3.97 9.52
CA THR A 25 -14.72 -3.24 8.26
C THR A 25 -13.30 -3.03 7.76
N LEU A 26 -13.03 -3.52 6.56
CA LEU A 26 -11.70 -3.39 5.96
C LEU A 26 -11.51 -1.97 5.44
N PHE A 27 -10.42 -1.31 5.82
CA PHE A 27 -10.24 0.08 5.44
C PHE A 27 -8.92 0.43 4.73
N CYS A 28 -7.94 -0.46 4.78
CA CYS A 28 -6.66 -0.25 4.10
C CYS A 28 -5.98 -1.57 3.88
N GLY A 29 -5.02 -1.56 2.98
CA GLY A 29 -4.09 -2.67 2.82
C GLY A 29 -2.75 -2.36 3.45
N GLY A 30 -1.87 -3.34 3.39
CA GLY A 30 -0.50 -3.18 3.89
C GLY A 30 0.35 -4.35 3.43
N THR A 31 1.63 -4.32 3.79
CA THR A 31 2.60 -5.29 3.29
C THR A 31 3.45 -5.85 4.42
N LEU A 32 3.47 -7.17 4.54
CA LEU A 32 4.33 -7.84 5.52
C LEU A 32 5.74 -7.85 4.95
N ILE A 33 6.70 -7.28 5.69
CA ILE A 33 8.08 -7.17 5.19
C ILE A 33 9.09 -8.09 5.88
N ASN A 34 8.70 -8.66 7.02
CA ASN A 34 9.45 -9.74 7.66
C ASN A 34 8.47 -10.47 8.57
N GLN A 35 8.93 -11.22 9.56
CA GLN A 35 7.98 -12.02 10.34
C GLN A 35 7.18 -11.22 11.36
N GLU A 36 7.57 -9.97 11.64
CA GLU A 36 6.82 -9.21 12.64
C GLU A 36 6.63 -7.73 12.36
N TRP A 37 6.83 -7.31 11.12
CA TRP A 37 6.64 -5.90 10.77
C TRP A 37 5.82 -5.76 9.51
N VAL A 38 4.99 -4.73 9.50
CA VAL A 38 4.13 -4.39 8.35
C VAL A 38 4.35 -2.93 7.97
N LEU A 39 4.39 -2.67 6.66
CA LEU A 39 4.45 -1.29 6.16
C LEU A 39 3.14 -0.90 5.50
N THR A 40 2.61 0.26 5.85
CA THR A 40 1.38 0.77 5.27
C THR A 40 1.48 2.28 5.20
N ALA A 41 0.37 2.96 4.95
CA ALA A 41 0.39 4.43 4.89
C ALA A 41 0.02 5.06 6.23
N ALA A 42 0.59 6.23 6.53
CA ALA A 42 0.22 6.98 7.74
C ALA A 42 -1.26 7.37 7.76
N HIS A 43 -1.86 7.62 6.60
CA HIS A 43 -3.28 7.98 6.58
C HIS A 43 -4.17 6.81 7.00
N CYS A 44 -3.61 5.60 7.06
CA CYS A 44 -4.36 4.43 7.49
C CYS A 44 -4.43 4.28 8.99
N ASP A 45 -3.73 5.13 9.73
CA ASP A 45 -3.71 5.00 11.17
C ASP A 45 -5.09 5.18 11.77
N ARG A 46 -5.44 4.32 12.72
N ARG A 46 -5.45 4.32 12.72
CA ARG A 46 -6.68 4.42 13.51
CA ARG A 46 -6.67 4.47 13.51
C ARG A 46 -6.28 4.16 14.95
C ARG A 46 -6.31 4.13 14.94
N LYS A 47 -7.09 4.61 15.91
CA LYS A 47 -6.82 4.33 17.31
C LYS A 47 -6.86 2.85 17.59
N ASN A 48 -7.82 2.16 16.98
CA ASN A 48 -8.02 0.73 17.19
C ASN A 48 -8.21 0.01 15.88
N PHE A 49 -7.34 -0.97 15.60
CA PHE A 49 -7.55 -1.80 14.41
C PHE A 49 -6.84 -3.15 14.48
N ARG A 50 -7.22 -4.06 13.58
CA ARG A 50 -6.67 -5.41 13.53
C ARG A 50 -6.05 -5.62 12.17
N ILE A 51 -5.15 -6.59 12.08
CA ILE A 51 -4.47 -6.87 10.82
C ILE A 51 -4.68 -8.34 10.48
N LYS A 52 -5.23 -8.61 9.30
CA LYS A 52 -5.44 -9.96 8.85
C LYS A 52 -4.37 -10.36 7.85
N LEU A 53 -3.69 -11.46 8.14
CA LEU A 53 -2.65 -12.01 7.27
C LEU A 53 -3.14 -13.31 6.67
N GLY A 54 -2.70 -13.62 5.46
CA GLY A 54 -3.08 -14.87 4.82
C GLY A 54 -4.51 -14.92 4.32
N MET A 55 -5.15 -13.77 4.15
CA MET A 55 -6.54 -13.72 3.70
C MET A 55 -6.62 -13.62 2.17
N HIS A 56 -7.55 -14.38 1.58
CA HIS A 56 -7.92 -14.18 0.19
C HIS A 56 -9.40 -13.83 0.21
N SER A 57 -10.27 -14.84 0.28
CA SER A 57 -11.70 -14.59 0.40
C SER A 57 -12.09 -14.13 1.81
N LYS A 58 -12.94 -13.10 1.88
CA LYS A 58 -13.45 -12.64 3.17
C LYS A 58 -14.46 -13.61 3.79
N LYS A 59 -15.35 -14.17 2.97
CA LYS A 59 -16.41 -15.01 3.50
C LYS A 59 -16.04 -16.50 3.56
N VAL A 60 -15.04 -16.90 2.78
CA VAL A 60 -14.53 -18.27 2.75
C VAL A 60 -13.05 -18.27 3.16
N PRO A 61 -12.79 -18.17 4.47
CA PRO A 61 -11.42 -17.90 4.94
C PRO A 61 -10.42 -19.02 4.69
N ASN A 62 -9.21 -18.64 4.26
CA ASN A 62 -8.11 -19.59 4.17
C ASN A 62 -7.88 -20.22 5.53
N GLU A 63 -7.54 -21.51 5.54
CA GLU A 63 -7.37 -22.23 6.77
C GLU A 63 -6.24 -21.65 7.63
N ASP A 64 -5.27 -21.01 6.97
CA ASP A 64 -4.09 -20.51 7.66
C ASP A 64 -4.10 -18.99 7.92
N GLU A 65 -5.26 -18.34 7.83
CA GLU A 65 -5.37 -16.93 8.22
C GLU A 65 -4.84 -16.71 9.64
N GLN A 66 -4.18 -15.57 9.84
CA GLN A 66 -3.74 -15.15 11.17
C GLN A 66 -4.22 -13.73 11.39
N THR A 67 -4.48 -13.41 12.65
CA THR A 67 -4.83 -12.05 13.04
C THR A 67 -3.75 -11.53 13.98
N ARG A 68 -3.32 -10.29 13.76
CA ARG A 68 -2.42 -9.62 14.67
C ARG A 68 -2.90 -8.19 14.90
N VAL A 69 -2.33 -7.53 15.91
CA VAL A 69 -2.62 -6.13 16.13
C VAL A 69 -1.31 -5.36 16.22
N PRO A 70 -1.35 -4.03 16.06
CA PRO A 70 -0.10 -3.31 16.23
C PRO A 70 0.35 -3.36 17.69
N LYS A 71 1.62 -3.66 17.92
CA LYS A 71 2.21 -3.52 19.25
C LYS A 71 2.78 -2.12 19.34
N GLU A 72 3.36 -1.66 18.23
CA GLU A 72 3.94 -0.33 18.14
C GLU A 72 3.72 0.21 16.72
N LYS A 73 3.53 1.52 16.61
CA LYS A 73 3.38 2.17 15.31
C LYS A 73 4.39 3.31 15.21
N PHE A 74 5.08 3.37 14.06
CA PHE A 74 6.13 4.37 13.85
C PHE A 74 5.82 5.23 12.65
N PHE A 75 6.06 6.54 12.80
CA PHE A 75 5.78 7.56 11.78
C PHE A 75 7.02 8.41 11.62
N CYS A 76 7.11 9.15 10.50
CA CYS A 76 8.24 10.05 10.30
C CYS A 76 8.38 11.11 11.39
N LEU A 77 7.24 11.65 11.82
CA LEU A 77 7.22 12.72 12.83
C LEU A 77 6.32 12.38 14.02
N SER A 78 6.63 12.94 15.19
CA SER A 78 5.79 12.67 16.36
C SER A 78 4.34 13.12 16.13
N SER A 79 4.16 14.14 15.29
CA SER A 79 2.83 14.68 14.95
C SER A 79 1.99 13.70 14.11
N LYS A 80 2.67 12.72 13.51
CA LYS A 80 2.09 11.77 12.56
C LYS A 80 1.58 12.46 11.30
N ASN A 81 2.04 13.69 11.06
CA ASN A 81 1.66 14.42 9.87
C ASN A 81 2.35 13.90 8.62
N TYR A 82 1.63 14.01 7.50
CA TYR A 82 2.14 13.63 6.20
C TYR A 82 1.53 14.60 5.20
N THR A 83 2.01 14.52 3.97
CA THR A 83 1.55 15.40 2.92
C THR A 83 1.19 14.61 1.69
N LEU A 84 0.82 15.32 0.63
CA LEU A 84 0.55 14.69 -0.65
C LEU A 84 1.83 14.32 -1.40
N TRP A 85 2.99 14.67 -0.85
CA TRP A 85 4.25 14.35 -1.56
C TRP A 85 5.31 13.66 -0.70
N ASP A 86 5.08 13.54 0.61
CA ASP A 86 5.99 12.80 1.46
C ASP A 86 5.35 12.36 2.76
N LYS A 87 6.08 11.53 3.49
CA LYS A 87 5.78 11.14 4.88
C LYS A 87 4.56 10.24 5.06
N ASP A 88 3.92 9.84 3.97
CA ASP A 88 2.72 9.01 4.14
C ASP A 88 3.13 7.56 4.25
N ILE A 89 3.61 7.21 5.45
CA ILE A 89 4.18 5.91 5.70
C ILE A 89 3.99 5.59 7.18
N MET A 90 3.64 4.35 7.46
CA MET A 90 3.56 3.92 8.85
C MET A 90 4.15 2.54 8.93
N LEU A 91 5.06 2.36 9.89
CA LEU A 91 5.66 1.07 10.11
C LEU A 91 5.06 0.48 11.39
N ILE A 92 4.55 -0.76 11.30
CA ILE A 92 3.86 -1.38 12.42
C ILE A 92 4.64 -2.59 12.89
N ARG A 93 4.91 -2.66 14.19
CA ARG A 93 5.43 -3.90 14.77
C ARG A 93 4.25 -4.71 15.28
N LEU A 94 4.12 -5.94 14.79
CA LEU A 94 3.00 -6.81 15.16
C LEU A 94 3.15 -7.26 16.60
N ASP A 95 2.04 -7.62 17.23
CA ASP A 95 2.06 -8.01 18.64
C ASP A 95 2.84 -9.31 18.87
N SER A 96 2.91 -10.14 17.83
CA SER A 96 3.73 -11.34 17.84
C SER A 96 4.04 -11.74 16.41
N PRO A 97 5.18 -12.42 16.21
CA PRO A 97 5.58 -12.79 14.86
C PRO A 97 4.62 -13.77 14.22
N VAL A 98 4.64 -13.81 12.89
CA VAL A 98 3.90 -14.81 12.14
C VAL A 98 4.91 -15.79 11.54
N LYS A 99 4.51 -17.04 11.43
CA LYS A 99 5.30 -18.02 10.70
C LYS A 99 4.80 -18.05 9.27
N ASN A 100 5.70 -18.28 8.32
CA ASN A 100 5.28 -18.47 6.94
C ASN A 100 4.38 -19.68 6.81
N SER A 101 3.41 -19.58 5.91
CA SER A 101 2.48 -20.66 5.63
C SER A 101 2.11 -20.61 4.15
N LYS A 102 1.16 -21.44 3.72
CA LYS A 102 0.80 -21.48 2.31
C LYS A 102 0.43 -20.08 1.81
N HIS A 103 -0.30 -19.33 2.61
CA HIS A 103 -0.80 -18.03 2.16
C HIS A 103 -0.15 -16.84 2.87
N ILE A 104 0.91 -17.10 3.63
CA ILE A 104 1.61 -16.02 4.35
C ILE A 104 3.12 -16.08 4.14
N ALA A 105 3.70 -14.96 3.70
CA ALA A 105 5.15 -14.82 3.59
C ALA A 105 5.45 -13.34 3.34
N PRO A 106 6.55 -12.85 3.90
CA PRO A 106 6.88 -11.44 3.74
C PRO A 106 7.40 -11.11 2.33
N PHE A 107 7.33 -9.82 1.98
CA PHE A 107 8.02 -9.27 0.81
C PHE A 107 9.21 -8.48 1.34
N SER A 108 10.42 -8.87 0.94
CA SER A 108 11.64 -8.18 1.36
C SER A 108 11.63 -6.72 0.94
N LEU A 109 12.33 -5.88 1.69
CA LEU A 109 12.51 -4.49 1.26
C LEU A 109 13.30 -4.44 -0.06
N PRO A 110 13.09 -3.40 -0.88
CA PRO A 110 13.73 -3.34 -2.19
C PRO A 110 15.23 -3.18 -2.08
N SER A 111 15.96 -3.79 -3.02
CA SER A 111 17.42 -3.74 -3.00
C SER A 111 17.96 -2.89 -4.16
N SER A 112 17.07 -2.50 -5.07
CA SER A 112 17.46 -1.50 -6.05
C SER A 112 16.38 -0.44 -6.23
N PRO A 113 16.78 0.71 -6.77
CA PRO A 113 15.85 1.81 -6.92
C PRO A 113 14.88 1.57 -8.09
N PRO A 114 13.66 2.11 -8.01
CA PRO A 114 12.65 1.90 -9.04
C PRO A 114 13.03 2.62 -10.34
N SER A 115 12.72 2.04 -11.48
CA SER A 115 13.06 2.69 -12.75
C SER A 115 11.80 3.07 -13.51
N VAL A 116 11.73 4.34 -13.91
CA VAL A 116 10.61 4.83 -14.71
C VAL A 116 10.47 3.98 -15.96
N GLY A 117 9.23 3.65 -16.29
CA GLY A 117 8.98 2.77 -17.43
C GLY A 117 8.75 1.33 -17.01
N SER A 118 9.07 0.97 -15.76
CA SER A 118 8.77 -0.36 -15.22
C SER A 118 7.28 -0.61 -15.25
N VAL A 119 6.90 -1.88 -15.30
CA VAL A 119 5.51 -2.27 -15.14
C VAL A 119 5.35 -2.72 -13.69
N CYS A 120 4.31 -2.25 -13.04
CA CYS A 120 4.10 -2.51 -11.62
C CYS A 120 2.79 -3.21 -11.41
N ARG A 121 2.62 -3.86 -10.26
CA ARG A 121 1.34 -4.49 -9.95
C ARG A 121 0.83 -3.90 -8.64
N ILE A 122 -0.47 -3.70 -8.57
CA ILE A 122 -1.14 -3.25 -7.34
C ILE A 122 -2.21 -4.26 -7.00
N MET A 123 -2.65 -4.27 -5.75
N MET A 123 -2.57 -4.33 -5.72
CA MET A 123 -3.54 -5.30 -5.28
CA MET A 123 -3.45 -5.37 -5.20
C MET A 123 -4.22 -4.84 -4.00
C MET A 123 -4.22 -4.81 -4.02
N GLY A 124 -5.47 -5.24 -3.86
CA GLY A 124 -6.23 -4.91 -2.65
C GLY A 124 -7.68 -5.31 -2.73
N TRP A 125 -8.38 -5.08 -1.64
CA TRP A 125 -9.80 -5.40 -1.54
C TRP A 125 -10.67 -4.15 -1.71
N GLY A 126 -10.10 -3.08 -2.28
CA GLY A 126 -10.86 -1.86 -2.54
C GLY A 126 -11.90 -1.99 -3.66
N ARG A 127 -12.65 -0.89 -3.88
CA ARG A 127 -13.70 -0.84 -4.89
C ARG A 127 -13.19 -1.30 -6.23
N ILE A 128 -14.00 -2.09 -6.92
CA ILE A 128 -13.66 -2.52 -8.27
C ILE A 128 -14.48 -1.77 -9.33
N SER A 129 -15.29 -0.81 -8.87
N SER A 129 -15.31 -0.82 -8.90
CA SER A 129 -15.99 0.12 -9.73
CA SER A 129 -15.99 0.09 -9.81
C SER A 129 -15.35 1.49 -9.56
C SER A 129 -15.48 1.51 -9.59
N PRO A 130 -15.13 2.23 -10.67
CA PRO A 130 -14.50 3.56 -10.57
C PRO A 130 -15.31 4.52 -9.72
N THR A 131 -16.64 4.35 -9.76
CA THR A 131 -17.56 5.23 -9.03
C THR A 131 -18.38 4.54 -7.96
N GLU A 132 -18.93 3.36 -8.29
CA GLU A 132 -19.99 2.76 -7.47
C GLU A 132 -19.51 2.53 -6.03
N GLY A 133 -19.92 1.43 -5.44
CA GLY A 133 -19.46 1.04 -4.10
C GLY A 133 -19.39 -0.48 -4.02
N THR A 134 -19.04 -1.09 -5.17
CA THR A 134 -18.83 -2.55 -5.27
C THR A 134 -17.48 -2.99 -4.68
N TYR A 135 -17.51 -3.54 -3.46
CA TYR A 135 -16.30 -4.11 -2.79
C TYR A 135 -16.25 -5.61 -2.89
N PRO A 136 -15.15 -6.14 -3.42
CA PRO A 136 -15.08 -7.56 -3.74
C PRO A 136 -14.84 -8.39 -2.48
N ASP A 137 -15.14 -9.68 -2.61
CA ASP A 137 -14.93 -10.64 -1.53
C ASP A 137 -13.48 -11.09 -1.50
N VAL A 138 -12.84 -10.96 -2.66
CA VAL A 138 -11.47 -11.41 -2.87
C VAL A 138 -10.65 -10.21 -3.35
N PRO A 139 -9.32 -10.23 -3.12
CA PRO A 139 -8.52 -9.07 -3.59
C PRO A 139 -8.37 -9.11 -5.08
N HIS A 140 -8.31 -7.94 -5.71
CA HIS A 140 -8.06 -7.85 -7.13
C HIS A 140 -6.65 -7.33 -7.37
N CYS A 141 -6.13 -7.59 -8.56
CA CYS A 141 -4.76 -7.25 -8.93
C CYS A 141 -4.80 -6.66 -10.32
N VAL A 142 -3.94 -5.69 -10.60
CA VAL A 142 -3.82 -5.18 -11.97
C VAL A 142 -2.42 -4.61 -12.16
N ASN A 143 -1.96 -4.58 -13.41
CA ASN A 143 -0.66 -3.96 -13.70
C ASN A 143 -0.81 -2.54 -14.22
N ILE A 144 0.08 -1.67 -13.77
CA ILE A 144 0.10 -0.27 -14.20
C ILE A 144 1.55 0.09 -14.50
N ASN A 145 1.79 1.30 -15.01
CA ASN A 145 3.14 1.75 -15.38
C ASN A 145 3.73 2.73 -14.38
N LEU A 146 5.03 2.64 -14.14
CA LEU A 146 5.71 3.65 -13.35
C LEU A 146 6.04 4.82 -14.27
N LEU A 147 5.50 5.99 -13.93
CA LEU A 147 5.65 7.19 -14.73
C LEU A 147 6.66 8.16 -14.12
N GLU A 148 7.12 9.15 -14.92
CA GLU A 148 7.94 10.23 -14.36
C GLU A 148 7.08 10.95 -13.32
N TYR A 149 7.67 11.29 -12.18
CA TYR A 149 6.90 11.96 -11.12
C TYR A 149 6.29 13.24 -11.66
N GLU A 150 7.05 13.92 -12.51
CA GLU A 150 6.55 15.10 -13.18
C GLU A 150 5.16 14.90 -13.77
N MET A 151 4.84 13.69 -14.22
N MET A 151 4.82 13.68 -14.21
CA MET A 151 3.53 13.40 -14.80
CA MET A 151 3.51 13.40 -14.81
C MET A 151 2.39 13.62 -13.81
C MET A 151 2.35 13.38 -13.82
N CYS A 152 2.65 13.40 -12.53
CA CYS A 152 1.60 13.53 -11.50
C CYS A 152 1.31 14.99 -11.11
N ARG A 153 2.13 15.93 -11.56
CA ARG A 153 1.97 17.31 -11.12
C ARG A 153 0.87 18.05 -11.88
N ALA A 154 0.98 18.05 -13.20
CA ALA A 154 0.06 18.80 -14.06
C ALA A 154 -1.43 18.41 -13.92
N PRO A 155 -1.73 17.12 -13.70
CA PRO A 155 -3.15 16.74 -13.61
C PRO A 155 -3.86 17.24 -12.36
N TYR A 156 -3.09 17.68 -11.35
CA TYR A 156 -3.65 18.08 -10.06
C TYR A 156 -3.21 19.49 -9.67
N PRO A 157 -3.58 20.49 -10.49
CA PRO A 157 -3.13 21.87 -10.21
C PRO A 157 -3.58 22.37 -8.84
N GLU A 158 -4.69 21.84 -8.31
CA GLU A 158 -5.23 22.29 -7.03
C GLU A 158 -4.31 21.98 -5.85
N PHE A 159 -3.43 21.00 -6.04
CA PHE A 159 -2.51 20.55 -4.98
C PHE A 159 -1.15 21.25 -5.03
N GLU A 160 -0.90 21.99 -6.11
CA GLU A 160 0.36 22.71 -6.30
C GLU A 160 1.56 21.84 -5.91
N LEU A 161 1.67 20.66 -6.53
CA LEU A 161 2.67 19.69 -6.15
C LEU A 161 4.09 20.16 -6.46
N PRO A 162 5.02 20.00 -5.49
CA PRO A 162 6.40 20.47 -5.64
C PRO A 162 7.12 19.67 -6.73
N ALA A 163 8.27 20.18 -7.17
CA ALA A 163 8.97 19.59 -8.31
C ALA A 163 9.57 18.23 -7.99
N THR A 164 9.89 18.02 -6.71
CA THR A 164 10.38 16.72 -6.23
C THR A 164 9.53 16.20 -5.09
N SER A 165 9.55 14.88 -4.91
CA SER A 165 8.74 14.26 -3.86
C SER A 165 9.44 13.00 -3.36
N ARG A 166 8.79 12.37 -2.38
CA ARG A 166 9.18 11.05 -1.92
C ARG A 166 8.06 10.11 -2.33
N THR A 167 7.45 10.37 -3.49
CA THR A 167 6.40 9.49 -4.02
C THR A 167 6.72 9.10 -5.44
N LEU A 168 6.17 7.96 -5.83
CA LEU A 168 6.21 7.47 -7.20
C LEU A 168 4.85 7.77 -7.80
N CYS A 169 4.85 8.02 -9.10
CA CYS A 169 3.65 8.33 -9.83
C CYS A 169 3.38 7.12 -10.72
N ALA A 170 2.22 6.50 -10.58
CA ALA A 170 1.97 5.27 -11.35
C ALA A 170 0.53 5.14 -11.72
N GLY A 171 0.30 4.58 -12.90
CA GLY A 171 -1.03 4.41 -13.47
C GLY A 171 -0.93 4.11 -14.95
N ILE A 172 -2.03 4.34 -15.65
CA ILE A 172 -2.12 4.09 -17.08
C ILE A 172 -2.65 5.39 -17.67
N LEU A 173 -1.93 5.97 -18.62
CA LEU A 173 -2.28 7.32 -19.11
C LEU A 173 -3.68 7.37 -19.73
N GLU A 174 -4.07 6.29 -20.41
CA GLU A 174 -5.39 6.26 -21.04
C GLU A 174 -6.53 5.96 -20.07
N GLY A 175 -6.20 5.70 -18.81
CA GLY A 175 -7.19 5.36 -17.80
C GLY A 175 -7.60 3.89 -17.78
N GLY A 176 -8.53 3.57 -16.89
CA GLY A 176 -9.16 2.25 -16.86
C GLY A 176 -8.57 1.26 -15.88
N LYS A 177 -7.36 1.54 -15.36
CA LYS A 177 -6.69 0.69 -14.34
C LYS A 177 -6.06 1.55 -13.25
N ASP A 178 -6.38 1.27 -11.99
CA ASP A 178 -6.01 2.20 -10.94
C ASP A 178 -6.27 1.59 -9.56
N THR A 179 -5.64 2.16 -8.55
CA THR A 179 -5.99 1.90 -7.18
C THR A 179 -7.34 2.56 -6.91
N CYS A 180 -8.06 2.12 -5.88
CA CYS A 180 -9.33 2.79 -5.55
C CYS A 180 -9.61 2.71 -4.05
N LYS A 181 -10.77 3.22 -3.63
CA LYS A 181 -11.07 3.31 -2.20
C LYS A 181 -11.00 1.96 -1.52
N GLY A 182 -10.22 1.89 -0.44
CA GLY A 182 -10.04 0.63 0.25
C GLY A 182 -8.72 -0.06 -0.07
N ASP A 183 -8.05 0.35 -1.15
CA ASP A 183 -6.76 -0.22 -1.54
C ASP A 183 -5.59 0.53 -0.95
N SER A 184 -5.83 1.73 -0.43
CA SER A 184 -4.70 2.57 -0.05
C SER A 184 -3.93 1.93 1.11
N GLY A 185 -2.63 2.22 1.22
CA GLY A 185 -1.78 1.52 2.21
C GLY A 185 -1.16 0.27 1.59
N GLY A 186 -1.76 -0.25 0.53
CA GLY A 186 -1.26 -1.44 -0.11
C GLY A 186 -0.01 -1.25 -0.98
N PRO A 187 0.58 -2.37 -1.40
CA PRO A 187 1.86 -2.34 -2.09
C PRO A 187 1.78 -2.05 -3.58
N LEU A 188 2.83 -1.40 -4.09
CA LEU A 188 3.09 -1.25 -5.52
C LEU A 188 4.35 -2.07 -5.77
N ILE A 189 4.22 -3.12 -6.56
CA ILE A 189 5.33 -4.03 -6.84
C ILE A 189 5.85 -3.75 -8.23
N CYS A 190 7.08 -3.27 -8.34
CA CYS A 190 7.62 -2.92 -9.66
C CYS A 190 8.82 -3.75 -9.97
N ASN A 191 8.73 -4.45 -11.10
CA ASN A 191 9.80 -5.29 -11.58
C ASN A 191 10.35 -6.15 -10.42
N GLY A 192 9.42 -6.79 -9.72
CA GLY A 192 9.77 -7.79 -8.73
C GLY A 192 10.12 -7.27 -7.36
N GLN A 193 10.02 -5.96 -7.16
CA GLN A 193 10.37 -5.37 -5.85
C GLN A 193 9.26 -4.51 -5.25
N PHE A 194 9.22 -4.48 -3.93
CA PHE A 194 8.23 -3.69 -3.21
C PHE A 194 8.70 -2.23 -3.21
N GLN A 195 8.13 -1.41 -4.09
CA GLN A 195 8.64 -0.06 -4.31
C GLN A 195 7.74 1.06 -3.82
N GLY A 196 6.44 0.78 -3.67
CA GLY A 196 5.53 1.85 -3.28
C GLY A 196 4.46 1.44 -2.29
N ILE A 197 3.97 2.43 -1.55
CA ILE A 197 2.85 2.30 -0.63
C ILE A 197 1.72 3.22 -1.11
N ALA A 198 0.57 2.67 -1.44
CA ALA A 198 -0.51 3.50 -2.02
C ALA A 198 -0.91 4.64 -1.09
N SER A 199 -0.75 5.86 -1.59
CA SER A 199 -0.96 7.08 -0.79
C SER A 199 -2.25 7.78 -1.18
N TRP A 200 -2.39 8.19 -2.44
CA TRP A 200 -3.64 8.81 -2.86
C TRP A 200 -3.79 8.75 -4.35
N GLY A 201 -5.03 8.88 -4.81
CA GLY A 201 -5.34 8.95 -6.23
C GLY A 201 -6.59 9.78 -6.37
N ASP A 202 -7.12 9.90 -7.58
CA ASP A 202 -8.34 10.67 -7.80
C ASP A 202 -9.58 9.78 -7.64
N ASP A 203 -10.72 10.45 -7.48
CA ASP A 203 -12.02 9.82 -7.33
C ASP A 203 -12.99 10.64 -8.19
N PRO A 204 -13.64 10.01 -9.19
CA PRO A 204 -13.67 8.59 -9.54
C PRO A 204 -12.28 8.06 -9.87
N CYS A 205 -12.08 6.78 -9.60
CA CYS A 205 -10.79 6.15 -9.86
C CYS A 205 -10.64 5.87 -11.34
N ALA A 206 -9.40 5.65 -11.76
CA ALA A 206 -9.09 5.21 -13.12
C ALA A 206 -9.51 6.15 -14.24
N GLN A 207 -9.57 7.45 -13.96
CA GLN A 207 -9.85 8.42 -15.02
C GLN A 207 -8.64 8.53 -15.94
N PRO A 208 -8.86 8.88 -17.21
CA PRO A 208 -7.72 9.08 -18.10
C PRO A 208 -6.81 10.17 -17.59
N HIS A 209 -5.51 9.90 -17.62
CA HIS A 209 -4.48 10.84 -17.22
C HIS A 209 -4.69 11.39 -15.80
N LYS A 210 -5.05 10.51 -14.88
CA LYS A 210 -5.11 10.87 -13.46
C LYS A 210 -4.37 9.79 -12.69
N PRO A 211 -3.03 9.79 -12.79
CA PRO A 211 -2.26 8.74 -12.12
C PRO A 211 -2.25 8.93 -10.60
N ALA A 212 -1.79 7.91 -9.90
CA ALA A 212 -1.85 7.91 -8.44
C ALA A 212 -0.46 7.98 -7.82
N ALA A 213 -0.41 8.38 -6.55
CA ALA A 213 0.84 8.57 -5.83
C ALA A 213 1.05 7.43 -4.84
N TYR A 214 2.28 6.93 -4.79
CA TYR A 214 2.66 5.81 -3.91
C TYR A 214 3.93 6.21 -3.20
N THR A 215 3.91 6.23 -1.88
CA THR A 215 5.11 6.60 -1.12
C THR A 215 6.26 5.69 -1.52
N LYS A 216 7.43 6.30 -1.72
CA LYS A 216 8.58 5.61 -2.26
C LYS A 216 9.29 4.84 -1.16
N VAL A 217 9.11 3.52 -1.14
CA VAL A 217 9.71 2.67 -0.11
C VAL A 217 11.22 2.79 -0.10
N PHE A 218 11.83 2.79 -1.28
CA PHE A 218 13.29 2.77 -1.35
C PHE A 218 13.93 3.95 -0.61
N ASP A 219 13.30 5.12 -0.70
CA ASP A 219 13.85 6.34 -0.07
C ASP A 219 13.86 6.24 1.45
N HIS A 220 13.08 5.30 1.97
CA HIS A 220 12.88 5.14 3.41
C HIS A 220 13.63 3.94 4.01
N LEU A 221 14.48 3.29 3.21
CA LEU A 221 15.23 2.12 3.70
C LEU A 221 16.01 2.39 4.98
N ASP A 222 16.76 3.49 5.03
CA ASP A 222 17.51 3.80 6.24
C ASP A 222 16.61 3.85 7.45
N TRP A 223 15.52 4.60 7.32
CA TRP A 223 14.56 4.79 8.39
C TRP A 223 13.96 3.45 8.82
N ILE A 224 13.46 2.69 7.86
CA ILE A 224 12.87 1.39 8.14
C ILE A 224 13.88 0.47 8.85
N GLU A 225 15.08 0.35 8.30
CA GLU A 225 16.10 -0.55 8.84
C GLU A 225 16.47 -0.17 10.26
N ASN A 226 16.60 1.13 10.50
CA ASN A 226 17.00 1.65 11.81
C ASN A 226 15.94 1.39 12.88
N ILE A 227 14.68 1.58 12.54
CA ILE A 227 13.58 1.31 13.46
C ILE A 227 13.55 -0.19 13.81
N ILE A 228 13.67 -1.03 12.78
CA ILE A 228 13.65 -2.48 13.01
C ILE A 228 14.86 -2.93 13.86
N ALA A 229 15.99 -2.27 13.67
CA ALA A 229 17.21 -2.57 14.45
C ALA A 229 17.13 -2.03 15.89
N GLY A 230 16.08 -1.27 16.17
CA GLY A 230 15.85 -0.77 17.53
C GLY A 230 16.34 0.64 17.79
N ASN A 231 16.73 1.34 16.72
CA ASN A 231 17.07 2.76 16.83
C ASN A 231 15.82 3.63 16.63
N THR A 232 15.09 3.84 17.72
CA THR A 232 13.84 4.60 17.70
C THR A 232 14.02 6.08 17.39
N ASP A 233 15.22 6.62 17.59
CA ASP A 233 15.54 8.01 17.23
C ASP A 233 15.75 8.24 15.71
N ALA A 234 15.60 7.19 14.91
CA ALA A 234 15.79 7.28 13.45
C ALA A 234 14.85 8.31 12.79
N SER A 235 15.32 8.92 11.71
CA SER A 235 14.58 9.96 11.01
C SER A 235 14.31 9.58 9.57
N CYS A 236 13.20 10.09 9.03
CA CYS A 236 12.87 9.92 7.62
C CYS A 236 13.77 10.82 6.81
N PRO A 237 13.95 10.51 5.51
CA PRO A 237 14.84 11.36 4.73
C PRO A 237 14.32 12.81 4.68
N PRO A 238 15.20 13.78 4.90
CA PRO A 238 14.74 15.17 4.89
C PRO A 238 14.44 15.67 3.49
#